data_7MDC
#
_entry.id   7MDC
#
_cell.length_a   96.718
_cell.length_b   96.718
_cell.length_c   183.382
_cell.angle_alpha   90.000
_cell.angle_beta   90.000
_cell.angle_gamma   90.000
#
_symmetry.space_group_name_H-M   'P 42 21 2'
#
loop_
_entity.id
_entity.type
_entity.pdbx_description
1 polymer Beta-lactamase
2 non-polymer 'NONAETHYLENE GLYCOL'
3 non-polymer 'DIMETHYL SULFOXIDE'
4 non-polymer '(2S)-2,3-dihydroxypropyl (9Z)-hexadec-9-enoate'
5 non-polymer '[(1S)-3-amino-1-(hexanoylamino)-3-oxopropyl]boronic acid'
6 non-polymer 'SULFATE ION'
7 non-polymer 'CHLORIDE ION'
8 water water
#
_entity_poly.entity_id   1
_entity_poly.type   'polypeptide(L)'
_entity_poly.pdbx_seq_one_letter_code
;QEHEPIGAQDERLSTLIHQRMQEAKVPALSVSVTIKGVRQRFVYGVADVASQKANTLDTVYELGSMSKAFTGLVVQILIQ
EGRLRQGDDIITYLPEMRLNYQGKPASLTVADFLYHTSGLPFSTLARLENPMPGSAVAQQLRNENLLFAPGAKFSYASAN
YDVLGAVIENVTGKTFTEVIAERLTQPLGMSATVAVKGDEIIVNKASGYKLGFGKPVLFHAPLARNHVPAAYIHSTLPDM
EIWIDAWLHRKALPATLREAMSNSWRGNSDVPLAADNRILYASGWFIDQNQGPYISHGGQNPNFSSCIALRPDQQIGIVA
LANMNSNLILQLCADIDNYLRIGKYADGAGDAITATDTLFVYLTLLLCFWGAVVVVRGAFRVYRATAHGPGKQQRLRLRV
RDYIIALAVPGLVAAMLYVAPGILSPGLDWRFILVWGPSSVLAIPFGIILLAFVLTLNHQIKRILLHNKEWDDEHHHHHH
;
_entity_poly.pdbx_strand_id   A
#
# COMPACT_ATOMS: atom_id res chain seq x y z
N ILE A 6 -12.98 34.25 6.24
CA ILE A 6 -12.49 33.11 7.01
C ILE A 6 -11.53 33.59 8.09
N GLY A 7 -10.73 32.65 8.60
CA GLY A 7 -9.75 32.91 9.63
C GLY A 7 -8.52 32.03 9.53
N ALA A 8 -7.67 32.07 10.55
CA ALA A 8 -6.40 31.36 10.53
C ALA A 8 -6.62 29.86 10.61
N GLN A 9 -5.61 29.11 10.17
CA GLN A 9 -5.64 27.68 10.39
C GLN A 9 -5.45 27.39 11.88
N ASP A 10 -5.74 26.16 12.26
CA ASP A 10 -5.83 25.78 13.66
C ASP A 10 -4.46 25.32 14.15
N GLU A 11 -3.99 25.93 15.26
CA GLU A 11 -2.62 25.66 15.69
C GLU A 11 -2.51 24.37 16.48
N ARG A 12 -3.55 23.97 17.21
CA ARG A 12 -3.52 22.68 17.90
C ARG A 12 -3.47 21.56 16.88
N LEU A 13 -4.16 21.76 15.75
CA LEU A 13 -4.14 20.83 14.63
C LEU A 13 -2.76 20.74 13.98
N SER A 14 -2.08 21.89 13.82
CA SER A 14 -0.74 21.88 13.22
C SER A 14 0.27 21.17 14.12
N THR A 15 0.15 21.35 15.43
CA THR A 15 1.01 20.67 16.40
C THR A 15 0.90 19.16 16.27
N LEU A 16 -0.33 18.65 16.22
CA LEU A 16 -0.53 17.21 16.07
C LEU A 16 0.26 16.68 14.89
N ILE A 17 0.11 17.33 13.73
CA ILE A 17 0.70 16.85 12.48
C ILE A 17 2.23 16.97 12.51
N HIS A 18 2.76 18.09 13.01
CA HIS A 18 4.20 18.20 13.25
C HIS A 18 4.70 17.07 14.13
N GLN A 19 3.98 16.81 15.23
CA GLN A 19 4.36 15.75 16.16
C GLN A 19 4.34 14.40 15.49
N ARG A 20 3.24 14.07 14.81
CA ARG A 20 3.14 12.81 14.08
C ARG A 20 4.22 12.69 13.01
N MET A 21 4.53 13.80 12.32
CA MET A 21 5.53 13.76 11.26
C MET A 21 6.92 13.53 11.83
N GLN A 22 7.22 14.15 12.98
CA GLN A 22 8.50 13.96 13.64
C GLN A 22 8.61 12.55 14.22
N GLU A 23 7.51 12.02 14.73
CA GLU A 23 7.45 10.62 15.17
C GLU A 23 7.75 9.68 14.02
N ALA A 24 6.96 9.77 12.94
CA ALA A 24 7.03 8.88 11.80
C ALA A 24 8.31 9.02 11.00
N LYS A 25 9.07 10.10 11.21
CA LYS A 25 10.30 10.43 10.46
C LYS A 25 10.10 10.50 8.94
N VAL A 26 8.89 10.81 8.45
CA VAL A 26 8.70 10.92 6.99
C VAL A 26 9.35 12.21 6.48
N PRO A 27 10.17 12.16 5.42
CA PRO A 27 10.71 13.43 4.88
C PRO A 27 9.62 14.45 4.54
N ALA A 28 8.60 14.07 3.79
CA ALA A 28 7.55 15.02 3.44
C ALA A 28 6.22 14.50 3.94
N LEU A 29 5.40 15.40 4.46
CA LEU A 29 4.04 15.09 4.86
C LEU A 29 3.14 16.23 4.38
N SER A 30 2.13 15.89 3.59
CA SER A 30 1.11 16.85 3.19
C SER A 30 -0.24 16.34 3.71
N VAL A 31 -0.95 17.21 4.43
CA VAL A 31 -2.27 16.90 4.97
C VAL A 31 -3.22 18.01 4.54
N SER A 32 -4.43 17.62 4.15
CA SER A 32 -5.51 18.58 3.94
C SER A 32 -6.73 18.16 4.76
N VAL A 33 -7.34 19.13 5.43
CA VAL A 33 -8.54 18.90 6.25
C VAL A 33 -9.64 19.84 5.78
N THR A 34 -10.79 19.28 5.43
CA THR A 34 -11.94 20.03 4.96
C THR A 34 -13.01 19.97 6.02
N ILE A 35 -13.60 21.11 6.36
CA ILE A 35 -14.75 21.17 7.26
C ILE A 35 -15.74 22.18 6.70
N LYS A 36 -16.63 21.72 5.83
CA LYS A 36 -17.67 22.60 5.25
C LYS A 36 -17.04 23.78 4.52
N GLY A 37 -16.27 23.47 3.49
CA GLY A 37 -15.71 24.50 2.67
C GLY A 37 -14.40 25.08 3.17
N VAL A 38 -14.14 25.11 4.48
CA VAL A 38 -12.91 25.71 5.00
C VAL A 38 -11.82 24.64 5.01
N ARG A 39 -10.98 24.68 3.99
CA ARG A 39 -9.86 23.77 3.88
C ARG A 39 -8.70 24.28 4.71
N GLN A 40 -8.11 23.43 5.53
CA GLN A 40 -6.83 23.70 6.16
C GLN A 40 -5.76 22.86 5.51
N ARG A 41 -4.60 23.45 5.23
CA ARG A 41 -3.52 22.76 4.55
C ARG A 41 -2.23 22.82 5.37
N PHE A 42 -1.54 21.70 5.45
CA PHE A 42 -0.29 21.56 6.20
C PHE A 42 0.70 20.81 5.30
N VAL A 43 1.75 21.51 4.88
CA VAL A 43 2.65 21.05 3.84
C VAL A 43 4.07 21.22 4.37
N TYR A 44 4.70 20.11 4.77
CA TYR A 44 5.94 20.12 5.52
C TYR A 44 6.98 19.19 4.89
N GLY A 45 8.24 19.61 4.93
CA GLY A 45 9.34 18.71 4.67
C GLY A 45 9.88 18.76 3.25
N VAL A 46 10.55 17.67 2.88
CA VAL A 46 11.28 17.60 1.62
C VAL A 46 10.80 16.39 0.82
N ALA A 47 10.38 16.63 -0.43
CA ALA A 47 10.04 15.53 -1.35
C ALA A 47 11.28 14.75 -1.75
N ASP A 48 12.44 15.40 -1.82
CA ASP A 48 13.69 14.73 -2.14
C ASP A 48 14.74 15.20 -1.15
N VAL A 49 15.40 14.24 -0.49
CA VAL A 49 16.30 14.62 0.60
C VAL A 49 17.68 15.00 0.06
N ALA A 50 18.15 14.32 -0.98
CA ALA A 50 19.51 14.56 -1.48
C ALA A 50 19.61 15.91 -2.16
N SER A 51 18.73 16.19 -3.13
CA SER A 51 18.69 17.50 -3.76
C SER A 51 18.09 18.58 -2.85
N GLN A 52 17.56 18.20 -1.68
CA GLN A 52 16.85 19.11 -0.78
C GLN A 52 15.70 19.82 -1.49
N LYS A 53 15.00 19.07 -2.34
CA LYS A 53 13.86 19.57 -3.08
C LYS A 53 12.64 19.58 -2.16
N ALA A 54 11.92 20.70 -2.13
CA ALA A 54 10.92 20.90 -1.09
C ALA A 54 9.60 20.20 -1.43
N ASN A 55 8.89 19.80 -0.38
CA ASN A 55 7.50 19.43 -0.49
C ASN A 55 6.67 20.65 -0.88
N THR A 56 6.02 20.60 -2.02
CA THR A 56 5.11 21.65 -2.45
C THR A 56 3.78 21.02 -2.82
N LEU A 57 2.78 21.87 -3.07
CA LEU A 57 1.48 21.40 -3.52
C LEU A 57 1.59 20.65 -4.86
N ASP A 58 2.64 20.91 -5.63
CA ASP A 58 2.88 20.20 -6.86
C ASP A 58 3.42 18.80 -6.64
N THR A 59 3.89 18.48 -5.43
CA THR A 59 4.51 17.17 -5.23
C THR A 59 3.50 16.05 -5.42
N VAL A 60 3.92 15.01 -6.17
CA VAL A 60 3.07 13.90 -6.55
C VAL A 60 3.42 12.70 -5.67
N TYR A 61 2.38 12.03 -5.16
CA TYR A 61 2.56 10.84 -4.32
C TYR A 61 1.91 9.62 -4.97
N GLU A 62 2.49 8.45 -4.69
CA GLU A 62 1.78 7.19 -4.89
C GLU A 62 0.71 7.04 -3.81
N LEU A 63 -0.53 6.79 -4.23
CA LEU A 63 -1.68 6.71 -3.33
C LEU A 63 -1.80 5.37 -2.59
N GLY A 64 -1.00 4.37 -2.94
CA GLY A 64 -1.16 3.11 -2.25
C GLY A 64 -2.55 2.56 -2.50
N SER A 65 -3.12 1.93 -1.46
CA SER A 65 -4.45 1.35 -1.60
C SER A 65 -5.55 2.39 -1.74
N MET A 66 -5.24 3.69 -1.64
CA MET A 66 -6.27 4.65 -1.99
C MET A 66 -6.46 4.77 -3.50
N SER A 67 -5.65 4.05 -4.30
CA SER A 67 -5.95 3.85 -5.71
C SER A 67 -7.24 3.06 -5.90
N LYS A 68 -7.58 2.17 -4.95
CA LYS A 68 -8.68 1.24 -5.18
C LYS A 68 -10.03 1.95 -5.26
N ALA A 69 -10.15 3.15 -4.67
CA ALA A 69 -11.43 3.83 -4.77
C ALA A 69 -11.60 4.48 -6.13
N PHE A 70 -10.50 4.71 -6.84
CA PHE A 70 -10.59 5.15 -8.22
C PHE A 70 -11.05 4.00 -9.10
N THR A 71 -10.33 2.88 -9.01
CA THR A 71 -10.70 1.65 -9.69
C THR A 71 -12.14 1.24 -9.42
N GLY A 72 -12.55 1.28 -8.15
CA GLY A 72 -13.86 0.76 -7.80
C GLY A 72 -14.99 1.65 -8.28
N LEU A 73 -14.78 2.97 -8.24
CA LEU A 73 -15.80 3.89 -8.74
C LEU A 73 -15.92 3.77 -10.26
N VAL A 74 -14.80 3.58 -10.95
CA VAL A 74 -14.86 3.31 -12.38
C VAL A 74 -15.72 2.09 -12.65
N VAL A 75 -15.51 1.02 -11.88
CA VAL A 75 -16.34 -0.18 -12.02
C VAL A 75 -17.81 0.18 -11.86
N GLN A 76 -18.12 1.04 -10.90
CA GLN A 76 -19.51 1.43 -10.65
C GLN A 76 -20.06 2.35 -11.74
N ILE A 77 -19.19 3.11 -12.41
CA ILE A 77 -19.66 3.85 -13.57
C ILE A 77 -20.02 2.88 -14.70
N LEU A 78 -19.11 1.94 -14.99
CA LEU A 78 -19.39 0.95 -16.01
C LEU A 78 -20.68 0.19 -15.71
N ILE A 79 -20.89 -0.21 -14.45
CA ILE A 79 -22.14 -0.87 -14.07
C ILE A 79 -23.34 0.03 -14.34
N GLN A 80 -23.24 1.30 -13.95
CA GLN A 80 -24.37 2.22 -14.04
C GLN A 80 -24.75 2.52 -15.49
N GLU A 81 -23.78 2.46 -16.42
CA GLU A 81 -24.06 2.55 -17.84
C GLU A 81 -24.50 1.21 -18.45
N GLY A 82 -24.72 0.18 -17.63
CA GLY A 82 -25.17 -1.09 -18.15
C GLY A 82 -24.14 -1.86 -18.96
N ARG A 83 -22.87 -1.47 -18.93
CA ARG A 83 -21.80 -2.20 -19.58
C ARG A 83 -21.16 -3.25 -18.66
N LEU A 84 -21.79 -3.57 -17.53
CA LEU A 84 -21.21 -4.51 -16.57
C LEU A 84 -22.20 -4.76 -15.46
N ARG A 85 -22.14 -5.96 -14.86
CA ARG A 85 -22.91 -6.24 -13.66
C ARG A 85 -21.99 -6.68 -12.52
N GLN A 86 -22.44 -6.38 -11.32
CA GLN A 86 -21.72 -6.78 -10.12
C GLN A 86 -21.66 -8.30 -10.01
N GLY A 87 -22.76 -8.97 -10.29
CA GLY A 87 -22.79 -10.42 -10.25
C GLY A 87 -22.25 -11.15 -11.46
N ASP A 88 -21.65 -10.44 -12.41
CA ASP A 88 -21.07 -11.10 -13.57
C ASP A 88 -19.91 -11.98 -13.14
N ASP A 89 -19.78 -13.13 -13.79
CA ASP A 89 -18.63 -14.00 -13.52
C ASP A 89 -17.35 -13.41 -14.09
N ILE A 90 -16.25 -13.52 -13.33
CA ILE A 90 -15.00 -12.91 -13.75
C ILE A 90 -14.47 -13.53 -15.03
N ILE A 91 -14.78 -14.80 -15.30
CA ILE A 91 -14.24 -15.47 -16.47
C ILE A 91 -14.89 -14.97 -17.76
N THR A 92 -16.01 -14.24 -17.65
CA THR A 92 -16.61 -13.53 -18.79
C THR A 92 -15.68 -12.47 -19.36
N TYR A 93 -14.82 -11.88 -18.52
CA TYR A 93 -13.94 -10.80 -18.90
C TYR A 93 -12.47 -11.19 -18.88
N LEU A 94 -12.04 -12.05 -17.96
CA LEU A 94 -10.69 -12.60 -17.94
C LEU A 94 -10.79 -14.11 -18.15
N PRO A 95 -10.98 -14.58 -19.39
CA PRO A 95 -11.40 -15.97 -19.60
C PRO A 95 -10.31 -17.01 -19.37
N GLU A 96 -9.05 -16.61 -19.22
CA GLU A 96 -7.99 -17.56 -18.92
C GLU A 96 -7.72 -17.66 -17.42
N MET A 97 -8.30 -16.77 -16.62
CA MET A 97 -8.11 -16.85 -15.19
C MET A 97 -8.96 -17.99 -14.66
N ARG A 98 -8.30 -19.11 -14.39
CA ARG A 98 -8.91 -20.18 -13.63
C ARG A 98 -8.42 -20.10 -12.19
N LEU A 99 -9.35 -20.08 -11.26
CA LEU A 99 -9.06 -20.00 -9.84
C LEU A 99 -9.75 -21.17 -9.16
N ASN A 100 -9.00 -21.89 -8.33
CA ASN A 100 -9.41 -23.19 -7.82
C ASN A 100 -9.91 -23.11 -6.38
N TYR A 101 -11.00 -23.82 -6.10
CA TYR A 101 -11.44 -24.08 -4.72
C TYR A 101 -11.82 -25.55 -4.62
N GLN A 102 -11.06 -26.28 -3.79
CA GLN A 102 -11.25 -27.71 -3.59
C GLN A 102 -11.05 -28.49 -4.88
N GLY A 103 -10.13 -28.01 -5.71
CA GLY A 103 -9.77 -28.67 -6.94
C GLY A 103 -10.57 -28.24 -8.15
N LYS A 104 -11.79 -27.74 -7.96
CA LYS A 104 -12.64 -27.30 -9.07
C LYS A 104 -12.43 -25.83 -9.36
N PRO A 105 -12.49 -25.44 -10.64
CA PRO A 105 -12.62 -24.00 -10.95
C PRO A 105 -13.75 -23.39 -10.14
N ALA A 106 -13.48 -22.23 -9.59
CA ALA A 106 -14.46 -21.52 -8.78
C ALA A 106 -15.12 -20.43 -9.62
N SER A 107 -16.41 -20.20 -9.34
CA SER A 107 -17.10 -19.03 -9.83
C SER A 107 -16.78 -17.83 -8.92
N LEU A 108 -16.16 -16.80 -9.49
CA LEU A 108 -15.89 -15.55 -8.80
C LEU A 108 -16.63 -14.45 -9.54
N THR A 109 -17.43 -13.69 -8.81
CA THR A 109 -18.12 -12.57 -9.43
C THR A 109 -17.27 -11.32 -9.38
N VAL A 110 -17.70 -10.29 -10.11
CA VAL A 110 -17.06 -8.99 -10.03
C VAL A 110 -17.18 -8.45 -8.61
N ALA A 111 -18.35 -8.68 -7.98
CA ALA A 111 -18.55 -8.35 -6.58
C ALA A 111 -17.47 -8.98 -5.69
N ASP A 112 -17.04 -10.21 -6.02
CA ASP A 112 -16.07 -10.91 -5.18
C ASP A 112 -14.75 -10.16 -5.08
N PHE A 113 -14.32 -9.49 -6.16
CA PHE A 113 -13.06 -8.76 -6.13
C PHE A 113 -13.26 -7.36 -5.56
N LEU A 114 -14.42 -6.77 -5.80
CA LEU A 114 -14.74 -5.44 -5.28
C LEU A 114 -14.66 -5.39 -3.76
N TYR A 115 -15.09 -6.46 -3.09
CA TYR A 115 -15.28 -6.48 -1.65
C TYR A 115 -14.38 -7.49 -0.94
N HIS A 116 -13.33 -7.96 -1.62
CA HIS A 116 -12.32 -8.89 -1.06
C HIS A 116 -12.94 -10.18 -0.48
N THR A 117 -13.96 -10.73 -1.15
CA THR A 117 -14.46 -12.07 -0.83
C THR A 117 -14.02 -13.11 -1.86
N SER A 118 -12.81 -12.95 -2.42
CA SER A 118 -12.38 -13.79 -3.52
C SER A 118 -11.61 -15.03 -3.07
N GLY A 119 -10.84 -14.92 -2.00
CA GLY A 119 -10.06 -16.05 -1.56
C GLY A 119 -8.65 -16.11 -2.10
N LEU A 120 -8.23 -15.11 -2.91
CA LEU A 120 -6.85 -15.09 -3.38
C LEU A 120 -5.90 -15.13 -2.19
N PRO A 121 -4.89 -16.01 -2.20
CA PRO A 121 -3.93 -16.07 -1.09
C PRO A 121 -3.10 -14.80 -0.98
N PHE A 122 -2.44 -14.66 0.18
CA PHE A 122 -1.66 -13.45 0.42
C PHE A 122 -0.57 -13.24 -0.61
N SER A 123 0.00 -14.33 -1.14
CA SER A 123 1.16 -14.26 -2.02
C SER A 123 0.82 -13.70 -3.40
N THR A 124 -0.45 -13.44 -3.71
CA THR A 124 -0.78 -12.81 -4.99
C THR A 124 -0.25 -11.38 -5.04
N LEU A 125 -0.04 -10.75 -3.88
CA LEU A 125 0.56 -9.42 -3.85
C LEU A 125 2.02 -9.47 -4.32
N ALA A 126 2.79 -10.47 -3.86
CA ALA A 126 4.14 -10.65 -4.39
C ALA A 126 4.14 -10.88 -5.91
N ARG A 127 3.11 -11.56 -6.45
CA ARG A 127 3.10 -11.85 -7.88
C ARG A 127 2.69 -10.63 -8.71
N LEU A 128 1.67 -9.90 -8.26
CA LEU A 128 1.20 -8.74 -9.01
C LEU A 128 2.16 -7.54 -8.91
N GLU A 129 2.86 -7.39 -7.79
CA GLU A 129 3.71 -6.23 -7.60
C GLU A 129 5.05 -6.38 -8.31
N ASN A 130 5.39 -7.59 -8.77
CA ASN A 130 6.64 -7.81 -9.50
C ASN A 130 6.42 -7.52 -11.00
N PRO A 131 7.25 -6.67 -11.62
CA PRO A 131 7.05 -6.36 -13.06
C PRO A 131 7.28 -7.58 -13.94
N MET A 132 6.36 -7.79 -14.90
CA MET A 132 6.42 -8.83 -15.93
C MET A 132 5.79 -8.29 -17.20
N PRO A 133 6.61 -8.01 -18.23
CA PRO A 133 6.15 -7.14 -19.32
C PRO A 133 5.02 -7.71 -20.17
N GLY A 134 5.13 -8.97 -20.61
CA GLY A 134 4.11 -9.53 -21.48
C GLY A 134 3.16 -10.48 -20.79
N SER A 135 2.90 -10.24 -19.51
CA SER A 135 2.15 -11.16 -18.68
C SER A 135 0.88 -10.47 -18.16
N ALA A 136 -0.27 -11.00 -18.55
CA ALA A 136 -1.57 -10.46 -18.16
C ALA A 136 -1.92 -10.88 -16.74
N VAL A 137 -2.90 -10.18 -16.15
CA VAL A 137 -3.33 -10.52 -14.79
C VAL A 137 -3.92 -11.92 -14.75
N ALA A 138 -4.75 -12.26 -15.74
CA ALA A 138 -5.32 -13.61 -15.81
C ALA A 138 -4.23 -14.69 -15.84
N GLN A 139 -3.15 -14.45 -16.58
CA GLN A 139 -2.08 -15.45 -16.63
C GLN A 139 -1.28 -15.51 -15.33
N GLN A 140 -1.20 -14.39 -14.59
CA GLN A 140 -0.40 -14.34 -13.37
C GLN A 140 -1.10 -15.03 -12.20
N LEU A 141 -2.43 -15.05 -12.22
CA LEU A 141 -3.24 -15.66 -11.18
C LEU A 141 -3.77 -17.03 -11.57
N ARG A 142 -3.57 -17.45 -12.81
CA ARG A 142 -4.09 -18.73 -13.30
C ARG A 142 -3.62 -19.89 -12.42
N ASN A 143 -4.59 -20.70 -11.98
CA ASN A 143 -4.35 -21.90 -11.18
C ASN A 143 -3.92 -21.57 -9.75
N GLU A 144 -4.46 -20.47 -9.22
CA GLU A 144 -4.28 -20.14 -7.82
C GLU A 144 -5.29 -20.92 -6.99
N ASN A 145 -4.91 -21.25 -5.76
CA ASN A 145 -5.75 -22.04 -4.86
C ASN A 145 -6.35 -21.12 -3.81
N LEU A 146 -7.63 -20.82 -3.96
CA LEU A 146 -8.29 -19.90 -3.06
C LEU A 146 -8.33 -20.45 -1.64
N LEU A 147 -8.28 -19.52 -0.67
CA LEU A 147 -8.31 -19.85 0.76
C LEU A 147 -9.69 -20.26 1.26
N PHE A 148 -10.76 -19.94 0.55
CA PHE A 148 -12.09 -20.25 1.04
C PHE A 148 -13.05 -20.15 -0.14
N ALA A 149 -14.29 -20.59 0.07
CA ALA A 149 -15.27 -20.49 -0.98
C ALA A 149 -15.50 -19.02 -1.32
N PRO A 150 -15.53 -18.66 -2.61
CA PRO A 150 -15.82 -17.26 -2.97
C PRO A 150 -17.11 -16.75 -2.32
N GLY A 151 -17.03 -15.54 -1.78
CA GLY A 151 -18.11 -14.95 -1.03
C GLY A 151 -18.15 -15.27 0.46
N ALA A 152 -17.32 -16.20 0.95
CA ALA A 152 -17.56 -16.78 2.27
C ALA A 152 -17.10 -15.88 3.41
N LYS A 153 -15.94 -15.23 3.25
CA LYS A 153 -15.34 -14.39 4.29
C LYS A 153 -14.79 -13.14 3.63
N PHE A 154 -14.74 -12.03 4.39
CA PHE A 154 -13.92 -10.89 4.01
C PHE A 154 -12.48 -11.20 4.35
N SER A 155 -11.59 -11.00 3.38
CA SER A 155 -10.15 -11.19 3.55
C SER A 155 -9.47 -10.28 2.54
N TYR A 156 -8.83 -9.21 3.01
CA TYR A 156 -8.28 -8.18 2.12
C TYR A 156 -7.06 -8.70 1.37
N ALA A 157 -7.11 -8.62 0.04
CA ALA A 157 -5.96 -8.91 -0.82
C ALA A 157 -5.84 -7.77 -1.83
N SER A 158 -4.66 -7.16 -1.88
CA SER A 158 -4.46 -6.01 -2.75
C SER A 158 -4.77 -6.36 -4.21
N ALA A 159 -4.51 -7.61 -4.62
CA ALA A 159 -4.56 -8.02 -6.01
C ALA A 159 -5.98 -8.08 -6.56
N ASN A 160 -7.00 -8.08 -5.70
CA ASN A 160 -8.39 -8.07 -6.19
C ASN A 160 -8.69 -6.85 -7.05
N TYR A 161 -8.01 -5.74 -6.79
CA TYR A 161 -8.26 -4.53 -7.57
C TYR A 161 -7.40 -4.47 -8.83
N ASP A 162 -6.39 -5.33 -8.94
CA ASP A 162 -5.70 -5.59 -10.19
C ASP A 162 -6.54 -6.43 -11.14
N VAL A 163 -7.31 -7.39 -10.61
CA VAL A 163 -8.29 -8.13 -11.42
C VAL A 163 -9.31 -7.17 -12.00
N LEU A 164 -9.75 -6.18 -11.22
CA LEU A 164 -10.75 -5.21 -11.69
C LEU A 164 -10.15 -4.23 -12.69
N GLY A 165 -8.86 -3.90 -12.56
CA GLY A 165 -8.21 -3.12 -13.59
C GLY A 165 -8.32 -3.77 -14.95
N ALA A 166 -8.05 -5.08 -15.01
CA ALA A 166 -8.15 -5.84 -16.25
C ALA A 166 -9.59 -5.96 -16.74
N VAL A 167 -10.56 -5.94 -15.82
CA VAL A 167 -11.97 -5.99 -16.20
C VAL A 167 -12.39 -4.68 -16.86
N ILE A 168 -11.95 -3.55 -16.29
CA ILE A 168 -12.17 -2.25 -16.93
C ILE A 168 -11.54 -2.24 -18.33
N GLU A 169 -10.29 -2.69 -18.43
CA GLU A 169 -9.58 -2.69 -19.71
C GLU A 169 -10.29 -3.54 -20.77
N ASN A 170 -10.90 -4.66 -20.35
CA ASN A 170 -11.63 -5.54 -21.26
C ASN A 170 -13.00 -4.98 -21.67
N VAL A 171 -13.74 -4.39 -20.72
CA VAL A 171 -15.07 -3.85 -21.03
C VAL A 171 -14.95 -2.68 -22.00
N THR A 172 -14.09 -1.72 -21.68
CA THR A 172 -14.02 -0.45 -22.39
C THR A 172 -13.29 -0.57 -23.72
N GLY A 173 -12.40 -1.55 -23.85
CA GLY A 173 -11.52 -1.59 -25.00
C GLY A 173 -10.40 -0.59 -24.93
N LYS A 174 -10.31 0.17 -23.83
CA LYS A 174 -9.33 1.21 -23.61
C LYS A 174 -8.37 0.78 -22.51
N THR A 175 -7.23 1.45 -22.47
CA THR A 175 -6.25 1.17 -21.45
C THR A 175 -6.74 1.75 -20.10
N PHE A 176 -6.11 1.29 -19.01
CA PHE A 176 -6.58 1.69 -17.69
C PHE A 176 -6.32 3.18 -17.45
N THR A 177 -5.12 3.64 -17.84
CA THR A 177 -4.83 5.08 -17.82
C THR A 177 -5.94 5.90 -18.47
N GLU A 178 -6.39 5.49 -19.66
CA GLU A 178 -7.32 6.30 -20.43
C GLU A 178 -8.73 6.26 -19.85
N VAL A 179 -9.13 5.15 -19.22
CA VAL A 179 -10.45 5.13 -18.60
C VAL A 179 -10.46 5.99 -17.36
N ILE A 180 -9.37 5.96 -16.59
CA ILE A 180 -9.27 6.82 -15.41
C ILE A 180 -9.31 8.29 -15.82
N ALA A 181 -8.61 8.64 -16.90
CA ALA A 181 -8.59 10.04 -17.32
C ALA A 181 -9.94 10.47 -17.88
N GLU A 182 -10.49 9.69 -18.82
CA GLU A 182 -11.72 10.10 -19.48
C GLU A 182 -12.91 10.10 -18.54
N ARG A 183 -12.89 9.24 -17.53
CA ARG A 183 -14.05 9.04 -16.67
C ARG A 183 -13.94 9.75 -15.33
N LEU A 184 -12.72 9.95 -14.80
CA LEU A 184 -12.56 10.54 -13.47
C LEU A 184 -11.83 11.87 -13.51
N THR A 185 -10.54 11.89 -13.87
CA THR A 185 -9.70 13.05 -13.61
C THR A 185 -10.05 14.22 -14.53
N GLN A 186 -10.44 13.95 -15.77
CA GLN A 186 -10.87 15.06 -16.63
C GLN A 186 -12.24 15.59 -16.21
N PRO A 187 -13.28 14.77 -16.03
CA PRO A 187 -14.58 15.36 -15.60
C PRO A 187 -14.54 16.05 -14.23
N LEU A 188 -13.71 15.56 -13.31
CA LEU A 188 -13.60 16.19 -11.99
C LEU A 188 -12.65 17.36 -11.95
N GLY A 189 -11.75 17.48 -12.92
CA GLY A 189 -10.76 18.53 -12.93
C GLY A 189 -9.45 18.20 -12.24
N MET A 190 -9.24 16.93 -11.89
CA MET A 190 -8.05 16.50 -11.12
C MET A 190 -6.83 16.44 -12.05
N SER A 191 -6.39 17.63 -12.46
CA SER A 191 -5.56 17.78 -13.66
C SER A 191 -4.12 17.32 -13.49
N ALA A 192 -3.78 16.76 -12.34
CA ALA A 192 -2.43 16.29 -12.05
C ALA A 192 -2.42 14.85 -11.55
N THR A 193 -3.56 14.19 -11.54
CA THR A 193 -3.70 12.79 -11.15
C THR A 193 -3.63 11.89 -12.39
N VAL A 194 -3.13 10.68 -12.20
CA VAL A 194 -2.94 9.76 -13.30
C VAL A 194 -2.66 8.36 -12.79
N ALA A 195 -3.14 7.37 -13.53
CA ALA A 195 -2.72 5.99 -13.39
C ALA A 195 -1.50 5.76 -14.28
N VAL A 196 -0.37 5.42 -13.68
CA VAL A 196 0.88 5.30 -14.44
C VAL A 196 0.94 3.99 -15.19
N LYS A 197 1.93 3.83 -16.05
CA LYS A 197 2.15 2.61 -16.83
C LYS A 197 3.44 1.90 -16.49
N GLY A 198 4.25 2.45 -15.59
CA GLY A 198 5.55 1.87 -15.28
C GLY A 198 6.36 2.79 -14.40
N ASP A 199 7.68 2.56 -14.38
CA ASP A 199 8.60 3.44 -13.64
C ASP A 199 9.18 4.55 -14.53
N GLU A 200 8.42 4.99 -15.54
CA GLU A 200 8.78 6.15 -16.35
C GLU A 200 8.76 7.41 -15.47
N ILE A 201 9.45 8.44 -15.96
CA ILE A 201 9.74 9.64 -15.16
C ILE A 201 8.49 10.50 -15.02
N ILE A 202 8.01 10.64 -13.78
CA ILE A 202 6.88 11.50 -13.45
C ILE A 202 7.42 12.81 -12.92
N VAL A 203 7.10 13.91 -13.60
CA VAL A 203 7.54 15.21 -13.13
C VAL A 203 6.88 15.47 -11.79
N ASN A 204 7.68 15.92 -10.81
CA ASN A 204 7.28 16.37 -9.47
C ASN A 204 7.02 15.23 -8.49
N LYS A 205 7.16 13.98 -8.90
CA LYS A 205 6.95 12.89 -7.96
C LYS A 205 7.95 13.01 -6.81
N ALA A 206 7.46 12.83 -5.60
CA ALA A 206 8.35 12.74 -4.45
C ALA A 206 9.26 11.52 -4.59
N SER A 207 10.47 11.64 -4.05
CA SER A 207 11.31 10.46 -3.88
C SER A 207 10.76 9.62 -2.72
N GLY A 208 10.78 8.31 -2.88
CA GLY A 208 10.26 7.41 -1.86
C GLY A 208 11.32 6.91 -0.90
N TYR A 209 10.97 6.86 0.38
CA TYR A 209 11.93 6.52 1.42
C TYR A 209 11.48 5.31 2.24
N LYS A 210 12.39 4.84 3.08
CA LYS A 210 12.18 3.61 3.82
C LYS A 210 13.22 3.49 4.94
N LEU A 211 12.76 3.19 6.16
CA LEU A 211 13.63 3.22 7.34
C LEU A 211 14.78 2.23 7.22
N GLY A 212 15.98 2.68 7.57
CA GLY A 212 17.18 1.87 7.52
C GLY A 212 18.25 2.33 8.50
N PHE A 213 18.51 1.50 9.51
CA PHE A 213 19.41 1.85 10.61
C PHE A 213 19.06 3.20 11.23
N GLY A 214 17.74 3.44 11.36
CA GLY A 214 17.24 4.55 12.12
C GLY A 214 16.92 5.81 11.32
N LYS A 215 17.44 5.93 10.11
CA LYS A 215 17.20 7.10 9.27
C LYS A 215 16.39 6.71 8.03
N PRO A 216 15.74 7.68 7.38
CA PRO A 216 15.13 7.39 6.08
C PRO A 216 16.20 7.14 5.03
N VAL A 217 16.00 6.11 4.22
CA VAL A 217 16.91 5.78 3.13
C VAL A 217 16.12 5.79 1.84
N LEU A 218 16.67 6.45 0.83
CA LEU A 218 16.04 6.48 -0.49
C LEU A 218 15.84 5.07 -1.04
N PHE A 219 14.62 4.78 -1.48
CA PHE A 219 14.26 3.47 -1.99
C PHE A 219 13.57 3.64 -3.33
N HIS A 220 14.11 3.03 -4.37
CA HIS A 220 13.43 2.95 -5.67
C HIS A 220 12.60 1.68 -5.67
N ALA A 221 11.28 1.83 -5.63
CA ALA A 221 10.40 0.69 -5.43
C ALA A 221 9.91 0.15 -6.77
N PRO A 222 9.58 -1.14 -6.86
CA PRO A 222 8.97 -1.64 -8.09
C PRO A 222 7.67 -0.90 -8.39
N LEU A 223 7.33 -0.84 -9.68
CA LEU A 223 6.07 -0.24 -10.10
C LEU A 223 5.59 -1.05 -11.31
N ALA A 224 4.94 -2.17 -11.03
CA ALA A 224 4.49 -3.10 -12.06
C ALA A 224 3.17 -2.63 -12.64
N ARG A 225 3.12 -2.49 -13.98
CA ARG A 225 1.95 -1.95 -14.66
C ARG A 225 0.64 -2.59 -14.19
N ASN A 226 0.62 -3.93 -14.06
CA ASN A 226 -0.60 -4.63 -13.69
C ASN A 226 -1.09 -4.29 -12.28
N HIS A 227 -0.21 -3.78 -11.43
CA HIS A 227 -0.54 -3.49 -10.04
C HIS A 227 -1.00 -2.05 -9.82
N VAL A 228 -1.09 -1.25 -10.87
CA VAL A 228 -1.45 0.17 -10.73
C VAL A 228 -2.88 0.36 -10.24
N PRO A 229 -3.87 -0.43 -10.69
CA PRO A 229 -5.24 -0.24 -10.16
C PRO A 229 -5.38 -0.50 -8.66
N ALA A 230 -4.41 -1.18 -8.03
CA ALA A 230 -4.43 -1.41 -6.59
C ALA A 230 -3.53 -0.47 -5.78
N ALA A 231 -2.43 0.04 -6.36
CA ALA A 231 -1.40 0.61 -5.52
C ALA A 231 -0.69 1.85 -6.07
N TYR A 232 -0.81 2.19 -7.36
CA TYR A 232 0.10 3.14 -7.96
C TYR A 232 -0.61 4.21 -8.79
N ILE A 233 -1.79 4.63 -8.41
CA ILE A 233 -2.34 5.88 -8.95
C ILE A 233 -1.63 7.04 -8.28
N HIS A 234 -1.15 8.02 -9.07
CA HIS A 234 -0.36 9.14 -8.58
C HIS A 234 -1.23 10.39 -8.47
N SER A 235 -1.05 11.16 -7.39
CA SER A 235 -1.88 12.35 -7.21
C SER A 235 -1.18 13.40 -6.37
N THR A 236 -1.89 14.51 -6.14
CA THR A 236 -1.41 15.65 -5.37
C THR A 236 -2.47 16.09 -4.39
N LEU A 237 -2.04 16.89 -3.43
CA LEU A 237 -2.95 17.39 -2.40
C LEU A 237 -4.07 18.25 -2.97
N PRO A 238 -3.82 19.21 -3.87
CA PRO A 238 -4.97 19.90 -4.47
C PRO A 238 -5.92 18.94 -5.17
N ASP A 239 -5.42 17.85 -5.74
CA ASP A 239 -6.28 16.96 -6.49
C ASP A 239 -7.07 16.03 -5.58
N MET A 240 -6.46 15.59 -4.48
CA MET A 240 -7.22 14.84 -3.48
C MET A 240 -8.25 15.71 -2.78
N GLU A 241 -7.98 17.02 -2.67
CA GLU A 241 -9.00 17.95 -2.19
C GLU A 241 -10.22 17.97 -3.11
N ILE A 242 -9.98 18.00 -4.42
CA ILE A 242 -11.07 17.95 -5.41
C ILE A 242 -11.79 16.59 -5.36
N TRP A 243 -11.02 15.51 -5.22
CA TRP A 243 -11.57 14.17 -4.98
C TRP A 243 -12.51 14.17 -3.78
N ILE A 244 -11.98 14.55 -2.63
CA ILE A 244 -12.74 14.67 -1.39
C ILE A 244 -14.01 15.50 -1.62
N ASP A 245 -13.91 16.52 -2.45
CA ASP A 245 -15.01 17.48 -2.55
C ASP A 245 -16.09 17.00 -3.50
N ALA A 246 -15.71 16.17 -4.48
CA ALA A 246 -16.67 15.51 -5.34
C ALA A 246 -17.51 14.52 -4.55
N TRP A 247 -16.85 13.66 -3.77
CA TRP A 247 -17.56 12.70 -2.95
C TRP A 247 -18.51 13.38 -1.98
N LEU A 248 -18.18 14.61 -1.56
CA LEU A 248 -19.01 15.33 -0.59
C LEU A 248 -20.09 16.18 -1.25
N HIS A 249 -19.95 16.53 -2.54
CA HIS A 249 -20.90 17.44 -3.20
C HIS A 249 -21.16 16.96 -4.61
N ARG A 250 -22.07 16.00 -4.74
CA ARG A 250 -22.36 15.32 -5.99
C ARG A 250 -23.39 16.03 -6.87
N LYS A 251 -23.95 17.15 -6.42
CA LYS A 251 -25.01 17.81 -7.17
C LYS A 251 -24.54 18.29 -8.53
N ALA A 252 -23.39 18.99 -8.57
CA ALA A 252 -22.86 19.52 -9.82
C ALA A 252 -22.41 18.43 -10.80
N LEU A 253 -22.28 17.17 -10.32
CA LEU A 253 -21.73 16.05 -11.08
C LEU A 253 -22.76 15.48 -12.07
N PRO A 254 -22.30 14.86 -13.17
CA PRO A 254 -23.23 14.09 -14.02
C PRO A 254 -23.88 12.95 -13.26
N ALA A 255 -25.11 12.61 -13.68
CA ALA A 255 -25.96 11.67 -12.93
C ALA A 255 -25.39 10.25 -12.93
N THR A 256 -24.65 9.86 -13.97
CA THR A 256 -23.96 8.58 -13.93
C THR A 256 -22.89 8.59 -12.85
N LEU A 257 -22.12 9.67 -12.76
CA LEU A 257 -21.06 9.74 -11.75
C LEU A 257 -21.66 9.85 -10.35
N ARG A 258 -22.80 10.53 -10.24
CA ARG A 258 -23.47 10.67 -8.96
C ARG A 258 -24.05 9.33 -8.50
N GLU A 259 -24.68 8.59 -9.40
CA GLU A 259 -25.19 7.27 -9.07
C GLU A 259 -24.04 6.30 -8.81
N ALA A 260 -23.03 6.30 -9.68
CA ALA A 260 -21.88 5.42 -9.48
C ALA A 260 -21.25 5.63 -8.12
N MET A 261 -21.19 6.89 -7.68
CA MET A 261 -20.61 7.22 -6.38
C MET A 261 -21.45 6.62 -5.26
N SER A 262 -22.77 6.81 -5.32
CA SER A 262 -23.67 6.32 -4.29
C SER A 262 -23.51 4.82 -4.08
N ASN A 263 -23.42 4.06 -5.16
CA ASN A 263 -23.22 2.61 -5.08
C ASN A 263 -21.80 2.24 -4.70
N SER A 264 -20.88 3.21 -4.68
CA SER A 264 -19.51 2.94 -4.28
C SER A 264 -19.31 3.02 -2.77
N TRP A 265 -20.31 3.50 -2.03
CA TRP A 265 -20.26 3.58 -0.58
C TRP A 265 -21.24 2.63 0.10
N ARG A 266 -21.66 1.59 -0.61
CA ARG A 266 -22.58 0.59 -0.11
C ARG A 266 -21.75 -0.64 0.26
N GLY A 267 -21.46 -0.78 1.56
CA GLY A 267 -20.64 -1.89 2.03
C GLY A 267 -21.33 -3.24 1.89
N ASN A 268 -20.52 -4.24 1.57
CA ASN A 268 -20.97 -5.61 1.50
C ASN A 268 -21.22 -6.14 2.91
N SER A 269 -22.50 -6.32 3.27
CA SER A 269 -22.95 -6.80 4.55
C SER A 269 -23.10 -8.32 4.61
N ASP A 270 -22.78 -9.02 3.52
CA ASP A 270 -22.94 -10.46 3.38
C ASP A 270 -21.67 -11.24 3.72
N VAL A 271 -20.88 -10.78 4.68
CA VAL A 271 -19.72 -11.54 5.16
C VAL A 271 -19.87 -11.70 6.66
N PRO A 272 -19.23 -12.71 7.25
CA PRO A 272 -19.13 -12.79 8.70
C PRO A 272 -18.36 -11.61 9.28
N LEU A 273 -18.74 -11.24 10.49
CA LEU A 273 -18.17 -10.10 11.21
C LEU A 273 -17.64 -10.61 12.53
N ALA A 274 -16.55 -9.99 12.99
CA ALA A 274 -15.94 -10.41 14.24
C ALA A 274 -16.55 -9.66 15.43
N ALA A 275 -16.21 -10.10 16.65
CA ALA A 275 -16.79 -9.50 17.84
C ALA A 275 -16.42 -8.04 17.98
N ASP A 276 -15.24 -7.64 17.48
CA ASP A 276 -14.76 -6.26 17.60
C ASP A 276 -14.73 -5.50 16.28
N ASN A 277 -15.14 -6.13 15.18
CA ASN A 277 -15.08 -5.49 13.87
C ASN A 277 -16.33 -5.86 13.07
N ARG A 278 -17.30 -4.95 13.04
CA ARG A 278 -18.46 -5.06 12.16
C ARG A 278 -18.44 -4.01 11.07
N ILE A 279 -17.26 -3.44 10.79
CA ILE A 279 -17.08 -2.51 9.68
C ILE A 279 -17.20 -3.27 8.37
N LEU A 280 -17.82 -2.63 7.38
CA LEU A 280 -18.02 -3.22 6.06
C LEU A 280 -17.09 -2.59 5.04
N TYR A 281 -16.85 -3.32 3.94
CA TYR A 281 -16.07 -2.83 2.81
C TYR A 281 -17.03 -2.52 1.67
N ALA A 282 -16.78 -1.41 0.97
CA ALA A 282 -17.55 -1.04 -0.20
C ALA A 282 -16.61 -1.01 -1.40
N SER A 283 -16.81 -0.10 -2.35
CA SER A 283 -16.04 -0.13 -3.60
C SER A 283 -14.71 0.62 -3.43
N GLY A 284 -13.84 0.06 -2.60
CA GLY A 284 -12.58 0.71 -2.27
C GLY A 284 -12.62 1.58 -1.03
N TRP A 285 -13.60 1.41 -0.15
CA TRP A 285 -13.73 2.20 1.07
C TRP A 285 -14.15 1.31 2.21
N PHE A 286 -13.78 1.71 3.44
CA PHE A 286 -14.33 1.10 4.64
C PHE A 286 -15.48 1.94 5.15
N ILE A 287 -16.57 1.29 5.56
CA ILE A 287 -17.78 1.97 6.01
C ILE A 287 -17.97 1.64 7.47
N ASP A 288 -18.09 2.69 8.28
CA ASP A 288 -18.26 2.58 9.72
C ASP A 288 -19.41 3.50 10.11
N GLN A 289 -20.50 2.93 10.62
CA GLN A 289 -21.57 3.73 11.18
C GLN A 289 -21.23 4.33 12.54
N ASN A 290 -20.17 3.84 13.19
CA ASN A 290 -19.83 4.28 14.54
C ASN A 290 -19.24 5.68 14.48
N GLN A 291 -19.93 6.63 15.11
CA GLN A 291 -19.55 8.04 15.03
C GLN A 291 -19.46 8.45 13.57
N GLY A 292 -20.44 8.01 12.79
CA GLY A 292 -20.40 8.14 11.36
C GLY A 292 -21.69 8.60 10.67
N PRO A 293 -21.85 8.21 9.39
CA PRO A 293 -20.94 7.32 8.66
C PRO A 293 -19.52 7.89 8.52
N TYR A 294 -18.53 7.00 8.64
CA TYR A 294 -17.12 7.35 8.56
C TYR A 294 -16.53 6.44 7.50
N ILE A 295 -16.22 7.02 6.35
CA ILE A 295 -15.75 6.31 5.15
C ILE A 295 -14.25 6.55 5.03
N SER A 296 -13.46 5.47 5.02
CA SER A 296 -12.00 5.63 5.11
C SER A 296 -11.25 4.53 4.35
N HIS A 297 -9.98 4.81 4.09
CA HIS A 297 -9.05 3.85 3.54
C HIS A 297 -7.62 4.39 3.72
N GLY A 298 -6.67 3.49 4.03
CA GLY A 298 -5.27 3.84 4.11
C GLY A 298 -4.51 3.54 2.82
N GLY A 299 -3.37 4.19 2.67
CA GLY A 299 -2.46 3.91 1.58
C GLY A 299 -1.14 3.41 2.12
N GLN A 300 -0.64 2.31 1.57
CA GLN A 300 0.57 1.71 2.10
C GLN A 300 1.32 1.02 0.97
N ASN A 301 2.36 1.68 0.45
CA ASN A 301 3.30 1.13 -0.51
C ASN A 301 4.64 0.95 0.16
N PRO A 302 5.61 0.31 -0.51
CA PRO A 302 6.91 0.10 0.15
C PRO A 302 7.60 1.39 0.60
N ASN A 303 7.28 2.52 -0.03
CA ASN A 303 8.00 3.75 0.24
C ASN A 303 7.08 4.95 0.17
N PHE A 304 5.77 4.75 0.11
CA PHE A 304 4.79 5.79 0.39
C PHE A 304 3.74 5.21 1.31
N SER A 305 3.17 6.08 2.16
CA SER A 305 1.95 5.76 2.89
C SER A 305 1.06 6.99 2.86
N SER A 306 -0.23 6.78 3.06
CA SER A 306 -1.22 7.86 3.03
C SER A 306 -2.45 7.41 3.81
N CYS A 307 -3.45 8.30 3.89
CA CYS A 307 -4.75 7.96 4.46
C CYS A 307 -5.78 8.97 3.98
N ILE A 308 -7.04 8.54 3.99
CA ILE A 308 -8.17 9.41 3.70
C ILE A 308 -9.33 8.97 4.58
N ALA A 309 -10.15 9.94 4.99
CA ALA A 309 -11.35 9.65 5.79
C ALA A 309 -12.35 10.76 5.56
N LEU A 310 -13.60 10.39 5.35
CA LEU A 310 -14.68 11.35 5.21
C LEU A 310 -15.76 11.05 6.24
N ARG A 311 -16.36 12.12 6.74
CA ARG A 311 -17.50 12.07 7.63
C ARG A 311 -18.58 12.90 6.92
N PRO A 312 -19.24 12.32 5.90
CA PRO A 312 -20.03 13.13 4.97
C PRO A 312 -21.13 13.95 5.60
N ASP A 313 -21.81 13.43 6.62
CA ASP A 313 -22.90 14.19 7.21
C ASP A 313 -22.42 15.49 7.87
N GLN A 314 -21.14 15.58 8.20
CA GLN A 314 -20.55 16.75 8.84
C GLN A 314 -19.68 17.55 7.87
N GLN A 315 -19.70 17.15 6.59
CA GLN A 315 -18.93 17.79 5.51
C GLN A 315 -17.43 17.77 5.80
N ILE A 316 -16.95 16.67 6.38
CA ILE A 316 -15.56 16.54 6.77
C ILE A 316 -14.82 15.66 5.78
N GLY A 317 -13.67 16.13 5.29
CA GLY A 317 -12.72 15.32 4.55
C GLY A 317 -11.31 15.53 5.05
N ILE A 318 -10.55 14.46 5.23
CA ILE A 318 -9.19 14.49 5.71
C ILE A 318 -8.37 13.61 4.79
N VAL A 319 -7.22 14.09 4.35
CA VAL A 319 -6.31 13.27 3.57
C VAL A 319 -4.89 13.66 3.96
N ALA A 320 -4.02 12.66 4.11
CA ALA A 320 -2.59 12.90 4.37
C ALA A 320 -1.76 12.09 3.40
N LEU A 321 -0.67 12.71 2.91
CA LEU A 321 0.25 12.08 1.97
C LEU A 321 1.68 12.18 2.47
N ALA A 322 2.43 11.10 2.30
CA ALA A 322 3.79 11.04 2.82
C ALA A 322 4.61 10.12 1.94
N ASN A 323 5.87 10.48 1.75
CA ASN A 323 6.78 9.74 0.87
C ASN A 323 7.62 8.72 1.64
N MET A 324 6.98 8.07 2.60
CA MET A 324 7.58 6.99 3.36
C MET A 324 6.44 6.18 3.94
N ASN A 325 6.65 4.88 4.08
CA ASN A 325 5.64 3.97 4.62
C ASN A 325 5.66 4.03 6.15
N SER A 326 4.60 4.57 6.75
CA SER A 326 4.50 4.71 8.21
C SER A 326 3.09 4.53 8.75
N ASN A 327 2.98 3.76 9.84
CA ASN A 327 1.70 3.59 10.52
C ASN A 327 1.22 4.87 11.21
N LEU A 328 2.14 5.72 11.66
CA LEU A 328 1.78 7.04 12.16
C LEU A 328 1.05 7.86 11.12
N ILE A 329 1.21 7.54 9.84
CA ILE A 329 0.48 8.24 8.77
C ILE A 329 -0.79 7.49 8.42
N LEU A 330 -0.74 6.16 8.48
CA LEU A 330 -1.94 5.35 8.29
C LEU A 330 -3.00 5.67 9.34
N GLN A 331 -2.55 6.00 10.56
CA GLN A 331 -3.43 6.37 11.67
C GLN A 331 -3.71 7.86 11.76
N LEU A 332 -2.99 8.69 11.00
CA LEU A 332 -3.07 10.15 11.17
C LEU A 332 -4.46 10.70 10.92
N CYS A 333 -5.22 10.08 10.01
CA CYS A 333 -6.59 10.53 9.77
C CYS A 333 -7.48 10.21 10.96
N ALA A 334 -7.28 9.05 11.60
CA ALA A 334 -8.00 8.78 12.84
C ALA A 334 -7.68 9.85 13.88
N ASP A 335 -6.40 10.18 14.06
CA ASP A 335 -5.96 11.26 14.95
C ASP A 335 -6.70 12.58 14.64
N ILE A 336 -6.71 12.98 13.36
CA ILE A 336 -7.28 14.28 13.01
C ILE A 336 -8.81 14.27 13.19
N ASP A 337 -9.45 13.13 12.93
CA ASP A 337 -10.90 13.08 13.10
C ASP A 337 -11.30 13.10 14.57
N ASN A 338 -10.50 12.44 15.42
CA ASN A 338 -10.69 12.52 16.86
C ASN A 338 -10.60 13.96 17.32
N TYR A 339 -9.59 14.67 16.80
CA TYR A 339 -9.40 16.06 17.16
C TYR A 339 -10.58 16.91 16.70
N LEU A 340 -11.02 16.75 15.46
CA LEU A 340 -12.17 17.51 14.99
C LEU A 340 -13.45 17.15 15.71
N ARG A 341 -13.52 15.98 16.36
CA ARG A 341 -14.74 15.53 17.00
C ARG A 341 -14.82 15.97 18.47
N ILE A 342 -13.78 15.70 19.25
CA ILE A 342 -13.84 15.91 20.70
C ILE A 342 -12.65 16.68 21.25
N GLY A 343 -11.73 17.14 20.40
CA GLY A 343 -10.63 17.95 20.83
C GLY A 343 -9.47 17.21 21.46
N LYS A 344 -9.47 15.88 21.44
CA LYS A 344 -8.35 15.10 21.97
C LYS A 344 -8.04 13.97 21.02
N TYR A 345 -6.86 13.38 21.20
CA TYR A 345 -6.43 12.29 20.36
C TYR A 345 -5.52 11.35 21.15
N ALA A 346 -5.22 10.20 20.57
CA ALA A 346 -4.39 9.25 21.28
C ALA A 346 -2.93 9.51 20.99
N ASP A 347 -2.08 8.94 21.84
CA ASP A 347 -0.67 8.94 21.55
C ASP A 347 -0.41 8.15 20.28
N GLY A 348 0.65 8.54 19.56
CA GLY A 348 0.96 7.88 18.32
C GLY A 348 1.13 6.38 18.51
N ALA A 349 0.60 5.62 17.57
CA ALA A 349 0.72 4.17 17.63
C ALA A 349 2.15 3.76 17.31
N GLY A 350 2.40 2.45 17.33
CA GLY A 350 3.70 1.93 16.95
C GLY A 350 3.77 1.70 15.45
N ASP A 351 4.97 1.40 14.98
CA ASP A 351 5.23 1.21 13.55
C ASP A 351 6.03 -0.08 13.38
N ALA A 352 5.59 -0.93 12.44
CA ALA A 352 6.15 -2.27 12.34
C ALA A 352 7.52 -2.27 11.70
N ILE A 353 7.75 -1.36 10.74
CA ILE A 353 9.08 -1.21 10.15
C ILE A 353 10.07 -0.68 11.19
N THR A 354 9.63 0.22 12.06
CA THR A 354 10.54 0.79 13.06
C THR A 354 11.00 -0.26 14.06
N ALA A 355 10.07 -1.04 14.63
CA ALA A 355 10.44 -2.09 15.56
C ALA A 355 11.36 -3.12 14.91
N THR A 356 11.06 -3.50 13.66
CA THR A 356 11.90 -4.43 12.93
C THR A 356 13.29 -3.87 12.68
N ASP A 357 13.39 -2.56 12.42
CA ASP A 357 14.68 -1.94 12.15
C ASP A 357 15.56 -1.91 13.39
N THR A 358 15.01 -1.53 14.54
CA THR A 358 15.80 -1.49 15.77
C THR A 358 16.19 -2.89 16.20
N LEU A 359 15.35 -3.88 15.90
CA LEU A 359 15.72 -5.26 16.14
C LEU A 359 16.93 -5.66 15.29
N PHE A 360 16.90 -5.32 14.00
CA PHE A 360 18.02 -5.67 13.13
C PHE A 360 19.29 -4.90 13.48
N VAL A 361 19.16 -3.69 14.05
CA VAL A 361 20.34 -2.95 14.49
C VAL A 361 20.99 -3.65 15.68
N TYR A 362 20.17 -4.08 16.65
CA TYR A 362 20.69 -4.82 17.79
C TYR A 362 21.32 -6.14 17.35
N LEU A 363 20.67 -6.84 16.42
CA LEU A 363 21.21 -8.10 15.95
C LEU A 363 22.49 -7.90 15.14
N THR A 364 22.55 -6.82 14.35
CA THR A 364 23.76 -6.49 13.60
C THR A 364 24.93 -6.16 14.53
N LEU A 365 24.67 -5.35 15.57
CA LEU A 365 25.70 -5.09 16.58
C LEU A 365 26.01 -6.37 17.36
N LEU A 366 25.00 -7.19 17.61
CA LEU A 366 25.23 -8.46 18.31
C LEU A 366 26.05 -9.42 17.44
N LEU A 367 25.79 -9.44 16.13
CA LEU A 367 26.63 -10.24 15.22
C LEU A 367 28.02 -9.64 15.08
N CYS A 368 28.11 -8.30 15.08
CA CYS A 368 29.39 -7.62 14.87
C CYS A 368 30.26 -7.69 16.12
N PHE A 369 29.64 -7.68 17.31
CA PHE A 369 30.37 -7.91 18.54
C PHE A 369 30.92 -9.33 18.60
N TRP A 370 30.19 -10.29 18.04
CA TRP A 370 30.58 -11.69 18.08
C TRP A 370 31.79 -11.96 17.19
N GLY A 371 31.78 -11.41 15.97
CA GLY A 371 32.89 -11.64 15.06
C GLY A 371 34.18 -11.03 15.56
N ALA A 372 34.11 -9.80 16.09
CA ALA A 372 35.32 -9.16 16.61
C ALA A 372 35.94 -9.95 17.75
N VAL A 373 35.10 -10.55 18.61
CA VAL A 373 35.61 -11.40 19.68
C VAL A 373 36.42 -12.56 19.11
N VAL A 374 35.91 -13.18 18.03
CA VAL A 374 36.59 -14.34 17.45
C VAL A 374 37.85 -13.92 16.70
N VAL A 375 37.85 -12.71 16.11
CA VAL A 375 39.01 -12.26 15.35
C VAL A 375 40.10 -11.75 16.29
N VAL A 376 39.72 -11.06 17.36
CA VAL A 376 40.72 -10.60 18.33
C VAL A 376 41.37 -11.79 19.04
N ARG A 377 40.54 -12.68 19.60
CA ARG A 377 41.09 -13.86 20.27
C ARG A 377 41.86 -14.76 19.30
N GLY A 378 41.51 -14.71 18.01
CA GLY A 378 42.19 -15.52 17.01
C GLY A 378 43.47 -14.89 16.49
N ALA A 379 43.41 -13.62 16.09
CA ALA A 379 44.61 -12.93 15.60
C ALA A 379 45.67 -12.82 16.70
N PHE A 380 45.24 -12.60 17.96
CA PHE A 380 46.18 -12.60 19.07
C PHE A 380 46.87 -13.95 19.22
N ARG A 381 46.13 -15.04 19.00
CA ARG A 381 46.71 -16.38 19.02
C ARG A 381 47.75 -16.55 17.92
N VAL A 400 44.46 -24.69 1.46
CA VAL A 400 43.92 -25.82 0.71
C VAL A 400 42.64 -26.30 1.36
N ARG A 401 42.74 -27.38 2.16
CA ARG A 401 41.58 -27.86 2.91
C ARG A 401 41.04 -26.77 3.83
N ASP A 402 41.92 -25.92 4.35
CA ASP A 402 41.49 -24.81 5.19
C ASP A 402 40.65 -23.82 4.40
N TYR A 403 41.08 -23.47 3.18
CA TYR A 403 40.37 -22.46 2.40
C TYR A 403 39.05 -23.01 1.87
N ILE A 404 39.01 -24.29 1.51
CA ILE A 404 37.81 -24.88 0.91
C ILE A 404 36.75 -25.18 1.96
N ILE A 405 37.17 -25.78 3.09
CA ILE A 405 36.21 -26.14 4.13
C ILE A 405 35.61 -24.89 4.78
N ALA A 406 36.45 -23.88 5.03
CA ALA A 406 35.97 -22.65 5.65
C ALA A 406 35.21 -21.73 4.69
N LEU A 407 35.13 -22.09 3.41
CA LEU A 407 34.29 -21.38 2.45
C LEU A 407 32.98 -22.13 2.16
N ALA A 408 32.95 -23.45 2.39
CA ALA A 408 31.73 -24.22 2.18
C ALA A 408 30.68 -23.89 3.23
N VAL A 409 31.09 -23.83 4.50
CA VAL A 409 30.13 -23.58 5.59
C VAL A 409 29.42 -22.24 5.46
N PRO A 410 30.09 -21.13 5.14
CA PRO A 410 29.34 -19.88 4.93
C PRO A 410 28.43 -19.95 3.71
N GLY A 411 28.81 -20.67 2.67
CA GLY A 411 27.94 -20.87 1.52
C GLY A 411 26.81 -21.86 1.78
N LEU A 412 26.97 -22.72 2.78
CA LEU A 412 25.93 -23.66 3.18
C LEU A 412 24.85 -22.98 4.01
N VAL A 413 25.24 -22.02 4.85
CA VAL A 413 24.28 -21.16 5.53
C VAL A 413 23.60 -20.22 4.53
N ALA A 414 24.38 -19.64 3.62
CA ALA A 414 23.82 -18.76 2.59
C ALA A 414 22.79 -19.49 1.76
N ALA A 415 22.99 -20.79 1.52
CA ALA A 415 22.01 -21.61 0.82
C ALA A 415 20.77 -21.84 1.70
N MET A 416 20.98 -22.21 2.96
CA MET A 416 19.87 -22.41 3.88
C MET A 416 19.06 -21.13 4.03
N LEU A 417 19.74 -19.98 4.17
CA LEU A 417 19.04 -18.72 4.31
C LEU A 417 18.23 -18.40 3.06
N TYR A 418 18.76 -18.73 1.88
CA TYR A 418 18.07 -18.38 0.64
C TYR A 418 16.76 -19.16 0.49
N VAL A 419 16.77 -20.45 0.84
CA VAL A 419 15.56 -21.26 0.71
C VAL A 419 14.60 -21.05 1.87
N ALA A 420 15.10 -20.54 3.01
CA ALA A 420 14.29 -20.50 4.23
C ALA A 420 12.95 -19.76 4.10
N PRO A 421 12.85 -18.60 3.43
CA PRO A 421 11.51 -17.97 3.31
C PRO A 421 10.49 -18.84 2.60
N GLY A 422 10.81 -19.33 1.39
CA GLY A 422 9.88 -20.11 0.61
C GLY A 422 9.52 -21.47 1.19
N ILE A 423 10.05 -21.76 2.38
CA ILE A 423 9.69 -22.96 3.13
C ILE A 423 8.86 -22.62 4.37
N LEU A 424 9.36 -21.73 5.23
CA LEU A 424 8.63 -21.35 6.43
C LEU A 424 7.30 -20.69 6.11
N SER A 425 7.16 -20.14 4.92
CA SER A 425 5.91 -19.50 4.49
C SER A 425 5.86 -19.66 2.98
N PRO A 426 5.15 -20.68 2.48
CA PRO A 426 5.14 -20.93 1.04
C PRO A 426 4.58 -19.73 0.28
N GLY A 427 5.20 -19.43 -0.86
CA GLY A 427 4.84 -18.28 -1.65
C GLY A 427 5.57 -17.00 -1.30
N LEU A 428 6.38 -16.99 -0.24
CA LEU A 428 7.16 -15.84 0.20
C LEU A 428 8.63 -16.02 -0.16
N ASP A 429 9.29 -14.93 -0.55
CA ASP A 429 10.67 -15.02 -1.00
C ASP A 429 11.43 -13.75 -0.64
N TRP A 430 12.75 -13.84 -0.74
CA TRP A 430 13.62 -12.73 -0.35
C TRP A 430 13.30 -11.45 -1.10
N ARG A 431 12.94 -11.55 -2.38
CA ARG A 431 12.58 -10.36 -3.15
C ARG A 431 11.47 -9.56 -2.48
N PHE A 432 10.49 -10.27 -1.89
CA PHE A 432 9.38 -9.60 -1.23
C PHE A 432 9.81 -9.03 0.12
N ILE A 433 10.64 -9.78 0.85
CA ILE A 433 11.19 -9.29 2.11
C ILE A 433 11.94 -7.99 1.88
N LEU A 434 12.79 -7.95 0.85
CA LEU A 434 13.57 -6.75 0.60
C LEU A 434 12.69 -5.57 0.20
N VAL A 435 11.63 -5.82 -0.57
CA VAL A 435 10.79 -4.72 -1.04
C VAL A 435 10.04 -4.05 0.13
N TRP A 436 9.63 -4.81 1.15
CA TRP A 436 8.78 -4.24 2.19
C TRP A 436 9.47 -3.99 3.53
N GLY A 437 10.54 -4.71 3.85
CA GLY A 437 11.18 -4.55 5.13
C GLY A 437 12.21 -3.44 5.14
N PRO A 438 12.75 -3.15 6.33
CA PRO A 438 13.76 -2.09 6.45
C PRO A 438 14.97 -2.35 5.57
N SER A 439 15.75 -1.29 5.32
CA SER A 439 16.97 -1.45 4.54
C SER A 439 18.03 -2.23 5.29
N SER A 440 17.78 -2.52 6.57
CA SER A 440 18.68 -3.29 7.42
C SER A 440 18.46 -4.80 7.32
N VAL A 441 17.45 -5.26 6.58
CA VAL A 441 17.24 -6.69 6.40
C VAL A 441 18.51 -7.35 5.90
N LEU A 442 19.12 -6.79 4.84
CA LEU A 442 20.28 -7.41 4.20
C LEU A 442 21.45 -7.63 5.16
N ALA A 443 21.53 -6.85 6.24
CA ALA A 443 22.61 -7.04 7.20
C ALA A 443 22.45 -8.34 7.97
N ILE A 444 21.22 -8.83 8.12
CA ILE A 444 20.97 -10.02 8.95
C ILE A 444 21.47 -11.29 8.27
N PRO A 445 21.08 -11.61 7.02
CA PRO A 445 21.70 -12.79 6.38
C PRO A 445 23.20 -12.61 6.16
N PHE A 446 23.62 -11.44 5.68
CA PHE A 446 25.05 -11.22 5.45
C PHE A 446 25.83 -11.29 6.75
N GLY A 447 25.29 -10.69 7.82
CA GLY A 447 25.91 -10.88 9.12
C GLY A 447 25.93 -12.34 9.54
N ILE A 448 24.80 -13.04 9.35
CA ILE A 448 24.73 -14.44 9.75
C ILE A 448 25.72 -15.29 8.96
N ILE A 449 25.85 -15.05 7.65
CA ILE A 449 26.78 -15.88 6.89
C ILE A 449 28.23 -15.43 7.10
N LEU A 450 28.47 -14.13 7.27
CA LEU A 450 29.83 -13.68 7.57
C LEU A 450 30.32 -14.22 8.91
N LEU A 451 29.43 -14.23 9.92
CA LEU A 451 29.82 -14.79 11.22
C LEU A 451 30.14 -16.27 11.11
N ALA A 452 29.52 -16.97 10.16
CA ALA A 452 29.81 -18.39 9.97
C ALA A 452 31.17 -18.60 9.32
N PHE A 453 31.62 -17.65 8.50
CA PHE A 453 32.92 -17.79 7.86
C PHE A 453 34.06 -17.56 8.85
N VAL A 454 33.96 -16.52 9.68
CA VAL A 454 35.04 -16.24 10.63
C VAL A 454 35.13 -17.34 11.68
N LEU A 455 34.02 -18.03 11.97
CA LEU A 455 34.06 -19.07 12.99
C LEU A 455 34.67 -20.36 12.45
N THR A 456 34.40 -20.71 11.19
CA THR A 456 35.01 -21.90 10.62
C THR A 456 36.47 -21.66 10.24
N LEU A 457 36.80 -20.42 9.82
CA LEU A 457 38.20 -20.07 9.65
C LEU A 457 38.92 -20.03 10.99
N ASN A 458 38.23 -19.58 12.04
CA ASN A 458 38.81 -19.63 13.38
C ASN A 458 38.88 -21.06 13.90
N HIS A 459 37.79 -21.84 13.71
CA HIS A 459 37.83 -23.26 14.03
C HIS A 459 38.84 -24.01 13.16
N GLN A 460 39.20 -23.46 12.01
CA GLN A 460 40.30 -24.04 11.24
C GLN A 460 41.64 -23.72 11.92
N ILE A 461 41.73 -22.57 12.57
CA ILE A 461 42.92 -22.19 13.32
C ILE A 461 42.95 -22.97 14.65
#